data_5V85
#
_entry.id   5V85
#
_cell.length_a   96.899
_cell.length_b   96.899
_cell.length_c   159.921
_cell.angle_alpha   90.00
_cell.angle_beta   90.00
_cell.angle_gamma   120.00
#
_symmetry.space_group_name_H-M   'P 31 2 1'
#
loop_
_entity.id
_entity.type
_entity.pdbx_description
1 polymer 'EDD domain protein, DegV family'
2 non-polymer 'VACCENIC ACID'
3 non-polymer 'PHOSPHATE ION'
4 non-polymer 'SODIUM ION'
5 water water
#
_entity_poly.entity_id   1
_entity_poly.type   'polypeptide(L)'
_entity_poly.pdbx_seq_one_letter_code
;(MSE)KTTYNRWWKKKVWFGRKD(MSE)SYKVIVDSCGEFTPE(MSE)KADGGFEHVALGIQIEDTQWTDDDSLKQEELL
LKIAESTSCAKTSCPSPERY(MSE)ESYHCDAERIYVVTLSAELSGSYNSAVLGKNLYEEEYGEKQIHVFNSRSASVGET
LIALKVQQCEKAG(MSE)TFEEVVESVECYIEEQHTYFVLENLDTLRKNGRLTGIKSLVAGALNIKPI(MSE)GSTPQGT
ICQKEKARG(MSE)KKALVK(MSE)ADCVAADVVNAGDKILAIAHCNCEERAKEVQRLLKERFAVKSSFIVDTSGISTVY
ANDGGIIVVV
;
_entity_poly.pdbx_strand_id   A,B
#
# COMPACT_ATOMS: atom_id res chain seq x y z
N ASP A 19 23.17 7.32 17.78
CA ASP A 19 22.14 6.37 18.17
C ASP A 19 21.90 5.33 17.08
N SER A 21 21.12 2.18 17.85
CA SER A 21 20.56 1.12 18.67
C SER A 21 19.37 0.47 17.94
N TYR A 22 19.72 -0.32 16.92
CA TYR A 22 18.70 -1.03 16.16
C TYR A 22 19.27 -2.35 15.67
N LYS A 23 18.37 -3.29 15.39
CA LYS A 23 18.73 -4.57 14.79
C LYS A 23 17.72 -4.91 13.71
N VAL A 24 18.21 -5.49 12.61
CA VAL A 24 17.36 -5.88 11.48
C VAL A 24 17.34 -7.41 11.46
N ILE A 25 16.17 -7.97 11.75
CA ILE A 25 15.97 -9.43 11.74
C ILE A 25 15.31 -9.81 10.44
N VAL A 26 15.89 -10.78 9.74
CA VAL A 26 15.39 -11.25 8.45
C VAL A 26 15.27 -12.77 8.53
N ASP A 27 14.14 -13.31 8.06
CA ASP A 27 14.09 -14.77 8.02
C ASP A 27 15.04 -15.28 6.96
N SER A 28 15.38 -16.56 7.06
CA SER A 28 16.55 -17.08 6.33
C SER A 28 16.37 -17.05 4.82
N CYS A 29 15.14 -16.90 4.32
CA CYS A 29 14.95 -16.83 2.88
C CYS A 29 15.64 -15.59 2.29
N GLY A 30 15.66 -14.49 3.03
CA GLY A 30 16.32 -13.29 2.56
C GLY A 30 17.83 -13.37 2.65
N GLU A 31 18.50 -13.35 1.49
CA GLU A 31 19.95 -13.52 1.45
C GLU A 31 20.66 -12.31 2.03
N PHE A 32 21.86 -12.55 2.57
CA PHE A 32 22.75 -11.49 3.06
C PHE A 32 23.94 -11.39 2.12
N THR A 33 24.27 -10.16 1.71
CA THR A 33 25.52 -9.93 1.01
C THR A 33 26.68 -10.05 1.98
N PRO A 34 27.91 -10.22 1.48
CA PRO A 34 29.06 -10.26 2.40
C PRO A 34 29.17 -9.03 3.27
N GLU A 35 28.88 -7.85 2.73
CA GLU A 35 28.94 -6.62 3.52
C GLU A 35 27.90 -6.62 4.63
N LYS A 37 26.76 -9.37 6.15
CA LYS A 37 27.24 -10.32 7.16
C LYS A 37 28.29 -9.68 8.05
N ALA A 38 29.16 -8.85 7.47
CA ALA A 38 30.22 -8.19 8.23
C ALA A 38 29.73 -6.95 8.98
N ASP A 39 28.47 -6.53 8.77
CA ASP A 39 27.99 -5.31 9.40
C ASP A 39 27.74 -5.52 10.89
N GLY A 40 27.01 -6.58 11.24
CA GLY A 40 26.63 -6.85 12.61
C GLY A 40 25.20 -6.48 12.96
N GLY A 41 24.59 -5.57 12.19
CA GLY A 41 23.22 -5.17 12.47
C GLY A 41 22.14 -6.03 11.85
N PHE A 42 22.53 -7.01 11.04
CA PHE A 42 21.58 -7.92 10.40
C PHE A 42 21.71 -9.30 11.04
N GLU A 43 20.57 -9.90 11.37
CA GLU A 43 20.52 -11.22 12.00
C GLU A 43 19.46 -12.07 11.33
N HIS A 44 19.80 -13.34 11.07
CA HIS A 44 18.89 -14.26 10.43
C HIS A 44 18.08 -15.03 11.48
N VAL A 45 16.83 -15.33 11.13
CA VAL A 45 16.02 -16.31 11.84
C VAL A 45 15.70 -17.42 10.85
N ALA A 46 16.21 -18.62 11.11
CA ALA A 46 16.32 -19.67 10.12
C ALA A 46 14.99 -20.40 9.95
N LEU A 47 14.68 -20.74 8.70
CA LEU A 47 13.55 -21.64 8.49
C LEU A 47 14.03 -23.08 8.54
N GLY A 48 13.07 -24.01 8.44
CA GLY A 48 13.35 -25.43 8.42
C GLY A 48 13.16 -26.00 7.04
N ILE A 49 13.94 -27.02 6.71
CA ILE A 49 13.87 -27.73 5.44
C ILE A 49 13.80 -29.22 5.72
N GLN A 50 12.84 -29.91 5.08
CA GLN A 50 12.62 -31.34 5.28
C GLN A 50 12.61 -32.02 3.92
N ILE A 51 13.53 -32.96 3.72
CA ILE A 51 13.62 -33.74 2.48
C ILE A 51 13.69 -35.21 2.88
N GLU A 52 12.65 -35.97 2.55
CA GLU A 52 12.53 -37.37 2.94
C GLU A 52 12.62 -37.51 4.46
N ASP A 53 13.71 -38.09 4.96
CA ASP A 53 13.89 -38.25 6.40
C ASP A 53 15.01 -37.38 6.94
N THR A 54 15.44 -36.39 6.17
CA THR A 54 16.45 -35.43 6.61
C THR A 54 15.76 -34.13 6.97
N GLN A 55 16.10 -33.56 8.12
CA GLN A 55 15.55 -32.30 8.59
C GLN A 55 16.69 -31.33 8.82
N TRP A 56 16.72 -30.25 8.06
CA TRP A 56 17.80 -29.28 8.08
C TRP A 56 17.30 -27.93 8.56
N THR A 57 18.23 -27.15 9.10
CA THR A 57 18.00 -25.75 9.42
C THR A 57 18.67 -24.88 8.36
N ASP A 58 17.93 -23.91 7.83
CA ASP A 58 18.45 -23.05 6.76
C ASP A 58 19.35 -21.98 7.38
N ASP A 59 20.60 -22.36 7.61
CA ASP A 59 21.63 -21.44 8.09
C ASP A 59 22.88 -21.62 7.25
N ASP A 60 23.94 -20.89 7.63
CA ASP A 60 25.17 -20.87 6.84
C ASP A 60 25.97 -22.16 6.93
N SER A 61 25.55 -23.11 7.75
CA SER A 61 26.20 -24.42 7.80
C SER A 61 25.68 -25.38 6.74
N LEU A 62 24.58 -25.04 6.07
CA LEU A 62 24.00 -25.89 5.01
C LEU A 62 24.50 -25.36 3.67
N LYS A 63 25.45 -26.07 3.08
CA LYS A 63 26.01 -25.62 1.81
C LYS A 63 25.06 -25.95 0.66
N GLN A 64 25.06 -25.06 -0.34
CA GLN A 64 24.09 -25.15 -1.42
C GLN A 64 24.22 -26.47 -2.19
N GLU A 65 25.45 -26.92 -2.43
CA GLU A 65 25.64 -28.12 -3.24
C GLU A 65 25.01 -29.34 -2.58
N GLU A 66 25.22 -29.50 -1.27
CA GLU A 66 24.62 -30.63 -0.56
C GLU A 66 23.10 -30.57 -0.63
N LEU A 67 22.53 -29.38 -0.48
CA LEU A 67 21.09 -29.22 -0.61
C LEU A 67 20.62 -29.58 -2.01
N LEU A 68 21.29 -29.05 -3.04
CA LEU A 68 20.90 -29.35 -4.41
C LEU A 68 21.03 -30.83 -4.71
N LEU A 69 22.07 -31.48 -4.18
CA LEU A 69 22.23 -32.91 -4.40
C LEU A 69 21.14 -33.72 -3.71
N LYS A 70 20.74 -33.30 -2.50
CA LYS A 70 19.66 -34.00 -1.80
C LYS A 70 18.34 -33.84 -2.55
N ILE A 71 18.05 -32.62 -3.02
CA ILE A 71 16.85 -32.39 -3.83
C ILE A 71 16.85 -33.29 -5.06
N ALA A 72 18.01 -33.42 -5.71
CA ALA A 72 18.07 -34.15 -6.97
C ALA A 72 17.80 -35.64 -6.77
N GLU A 73 18.27 -36.21 -5.65
CA GLU A 73 18.09 -37.64 -5.42
C GLU A 73 16.71 -37.99 -4.90
N SER A 74 16.12 -37.10 -4.10
CA SER A 74 14.84 -37.40 -3.46
C SER A 74 13.72 -37.35 -4.49
N THR A 75 12.98 -38.46 -4.60
CA THR A 75 11.82 -38.47 -5.48
C THR A 75 10.66 -37.66 -4.90
N SER A 76 10.61 -37.53 -3.58
CA SER A 76 9.54 -36.78 -2.93
C SER A 76 9.89 -35.30 -2.86
N CYS A 77 8.87 -34.46 -3.01
CA CYS A 77 9.08 -33.02 -3.00
C CYS A 77 9.53 -32.54 -1.63
N ALA A 78 10.42 -31.56 -1.61
CA ALA A 78 10.90 -31.01 -0.35
C ALA A 78 9.79 -30.21 0.34
N LYS A 79 9.86 -30.16 1.66
CA LYS A 79 8.95 -29.38 2.49
C LYS A 79 9.74 -28.41 3.36
N THR A 80 9.07 -27.33 3.76
CA THR A 80 9.72 -26.30 4.58
C THR A 80 8.79 -25.90 5.72
N SER A 81 9.36 -25.24 6.72
CA SER A 81 8.58 -24.76 7.86
C SER A 81 9.08 -23.38 8.26
N CYS A 82 8.15 -22.50 8.61
CA CYS A 82 8.52 -21.17 9.04
C CYS A 82 9.10 -21.20 10.45
N PRO A 83 9.76 -20.12 10.87
CA PRO A 83 10.26 -20.06 12.25
C PRO A 83 9.13 -19.99 13.26
N SER A 84 9.40 -20.48 14.46
CA SER A 84 8.42 -20.44 15.53
C SER A 84 8.34 -19.04 16.14
N PRO A 85 7.20 -18.68 16.72
CA PRO A 85 7.13 -17.37 17.40
C PRO A 85 8.12 -17.23 18.53
N GLU A 86 8.48 -18.34 19.18
CA GLU A 86 9.40 -18.26 20.31
C GLU A 86 10.79 -17.83 19.87
N ARG A 87 11.25 -18.31 18.71
CA ARG A 87 12.59 -17.93 18.28
C ARG A 87 12.59 -16.50 17.75
N TYR A 88 11.47 -16.03 17.18
CA TYR A 88 11.35 -14.62 16.86
C TYR A 88 11.43 -13.77 18.13
N GLU A 90 12.79 -14.45 21.00
CA GLU A 90 14.15 -14.47 21.53
C GLU A 90 15.06 -13.53 20.75
N SER A 91 14.85 -13.42 19.44
CA SER A 91 15.65 -12.50 18.64
C SER A 91 15.32 -11.05 18.95
N TYR A 92 14.10 -10.77 19.42
CA TYR A 92 13.76 -9.40 19.76
C TYR A 92 14.40 -8.98 21.08
N HIS A 93 14.64 -9.93 21.97
CA HIS A 93 15.17 -9.67 23.31
C HIS A 93 16.67 -9.42 23.20
N CYS A 94 17.07 -8.16 23.23
CA CYS A 94 18.47 -7.77 23.07
C CYS A 94 18.60 -6.30 23.46
N ASP A 95 19.83 -5.78 23.36
CA ASP A 95 20.14 -4.43 23.78
C ASP A 95 19.73 -3.36 22.77
N ALA A 96 19.38 -3.74 21.55
CA ALA A 96 19.00 -2.75 20.55
C ALA A 96 17.62 -2.16 20.87
N GLU A 97 17.51 -0.84 20.75
CA GLU A 97 16.25 -0.18 21.09
C GLU A 97 15.17 -0.47 20.07
N ARG A 98 15.52 -0.47 18.78
N ARG A 98 15.52 -0.43 18.78
CA ARG A 98 14.54 -0.59 17.70
CA ARG A 98 14.55 -0.60 17.70
C ARG A 98 14.75 -1.90 16.95
C ARG A 98 14.76 -1.95 17.05
N ILE A 99 13.68 -2.68 16.84
CA ILE A 99 13.72 -3.99 16.19
C ILE A 99 12.88 -3.92 14.91
N TYR A 100 13.52 -4.25 13.78
CA TYR A 100 12.85 -4.32 12.50
C TYR A 100 12.92 -5.77 12.01
N VAL A 101 11.77 -6.32 11.62
CA VAL A 101 11.68 -7.71 11.19
C VAL A 101 11.22 -7.73 9.74
N VAL A 102 11.94 -8.49 8.91
CA VAL A 102 11.62 -8.63 7.49
C VAL A 102 11.36 -10.10 7.21
N THR A 103 10.16 -10.41 6.70
CA THR A 103 9.76 -11.80 6.49
C THR A 103 9.33 -12.02 5.05
N LEU A 104 9.26 -13.30 4.68
CA LEU A 104 8.60 -13.74 3.47
C LEU A 104 7.19 -13.17 3.36
N SER A 105 6.69 -13.06 2.13
CA SER A 105 5.31 -12.69 1.90
C SER A 105 4.37 -13.50 2.78
N ALA A 106 3.43 -12.81 3.43
CA ALA A 106 2.46 -13.49 4.28
C ALA A 106 1.55 -14.41 3.48
N GLU A 107 1.44 -14.21 2.16
CA GLU A 107 0.64 -15.09 1.32
C GLU A 107 1.37 -16.37 0.93
N LEU A 108 2.68 -16.46 1.19
CA LEU A 108 3.46 -17.63 0.82
C LEU A 108 4.00 -18.41 1.99
N SER A 109 3.91 -17.88 3.22
CA SER A 109 4.58 -18.50 4.35
C SER A 109 3.95 -17.99 5.64
N GLY A 110 4.01 -18.81 6.68
CA GLY A 110 3.59 -18.40 8.00
C GLY A 110 4.62 -17.59 8.76
N SER A 111 5.72 -17.23 8.11
CA SER A 111 6.82 -16.53 8.78
C SER A 111 6.35 -15.18 9.32
N TYR A 112 5.56 -14.44 8.52
CA TYR A 112 5.05 -13.15 8.97
C TYR A 112 4.19 -13.29 10.21
N ASN A 113 3.18 -14.17 10.16
CA ASN A 113 2.30 -14.35 11.31
C ASN A 113 3.07 -14.80 12.53
N SER A 114 4.08 -15.64 12.34
CA SER A 114 4.91 -16.09 13.45
C SER A 114 5.70 -14.94 14.06
N ALA A 115 6.23 -14.05 13.23
CA ALA A 115 6.96 -12.89 13.75
C ALA A 115 6.04 -11.95 14.52
N VAL A 116 4.80 -11.77 14.03
CA VAL A 116 3.84 -10.92 14.74
C VAL A 116 3.45 -11.55 16.08
N LEU A 117 3.24 -12.87 16.09
CA LEU A 117 2.94 -13.56 17.34
C LEU A 117 4.12 -13.48 18.30
N GLY A 118 5.35 -13.59 17.78
CA GLY A 118 6.51 -13.44 18.63
C GLY A 118 6.58 -12.08 19.29
N LYS A 119 6.09 -11.04 18.61
CA LYS A 119 6.03 -9.71 19.23
C LYS A 119 5.02 -9.69 20.37
N ASN A 120 3.86 -10.33 20.17
CA ASN A 120 2.87 -10.39 21.23
C ASN A 120 3.41 -11.14 22.44
N LEU A 121 4.16 -12.23 22.20
CA LEU A 121 4.76 -12.97 23.30
C LEU A 121 5.82 -12.12 24.01
N TYR A 122 6.61 -11.36 23.24
CA TYR A 122 7.63 -10.51 23.86
C TYR A 122 7.01 -9.52 24.84
N GLU A 123 5.94 -8.85 24.41
CA GLU A 123 5.36 -7.81 25.24
C GLU A 123 4.70 -8.39 26.48
N GLU A 124 4.24 -9.64 26.42
CA GLU A 124 3.71 -10.31 27.61
C GLU A 124 4.82 -10.64 28.60
N GLU A 125 6.03 -10.92 28.12
CA GLU A 125 7.12 -11.33 28.99
C GLU A 125 8.05 -10.18 29.38
N TYR A 126 8.16 -9.14 28.54
CA TYR A 126 9.14 -8.09 28.77
C TYR A 126 8.58 -6.68 28.68
N GLY A 127 7.33 -6.51 28.29
CA GLY A 127 6.76 -5.18 28.16
C GLY A 127 6.91 -4.61 26.76
N GLU A 128 6.57 -3.33 26.65
CA GLU A 128 6.55 -2.66 25.35
C GLU A 128 7.96 -2.49 24.80
N LYS A 129 8.08 -2.64 23.49
CA LYS A 129 9.33 -2.37 22.78
C LYS A 129 8.99 -1.94 21.37
N GLN A 130 9.86 -1.14 20.78
CA GLN A 130 9.69 -0.69 19.40
C GLN A 130 10.08 -1.86 18.49
N ILE A 131 9.08 -2.64 18.10
CA ILE A 131 9.25 -3.79 17.21
C ILE A 131 8.25 -3.66 16.07
N HIS A 132 8.75 -3.68 14.84
CA HIS A 132 7.87 -3.67 13.68
C HIS A 132 8.22 -4.83 12.75
N VAL A 133 7.21 -5.55 12.30
CA VAL A 133 7.37 -6.66 11.36
C VAL A 133 6.93 -6.20 9.99
N PHE A 134 7.85 -6.23 9.03
CA PHE A 134 7.55 -5.87 7.64
C PHE A 134 7.17 -7.13 6.86
N ASN A 135 5.94 -7.17 6.36
CA ASN A 135 5.53 -8.18 5.39
C ASN A 135 6.12 -7.77 4.04
N SER A 136 7.17 -8.47 3.60
CA SER A 136 7.85 -8.08 2.36
C SER A 136 6.96 -8.19 1.14
N ARG A 137 5.90 -9.02 1.20
N ARG A 137 5.90 -9.02 1.20
CA ARG A 137 5.11 -9.34 0.02
CA ARG A 137 5.10 -9.33 0.02
C ARG A 137 5.99 -9.85 -1.12
C ARG A 137 5.98 -9.86 -1.11
N SER A 138 7.09 -10.51 -0.75
CA SER A 138 8.07 -10.94 -1.72
C SER A 138 8.86 -12.11 -1.12
N ALA A 139 10.09 -12.31 -1.58
CA ALA A 139 10.93 -13.40 -1.09
C ALA A 139 12.36 -13.10 -1.53
N SER A 140 13.29 -13.88 -0.98
CA SER A 140 14.68 -13.91 -1.42
C SER A 140 15.24 -12.48 -1.38
N VAL A 141 15.80 -11.96 -2.47
CA VAL A 141 16.41 -10.63 -2.46
C VAL A 141 15.39 -9.52 -2.28
N GLY A 142 14.10 -9.80 -2.45
CA GLY A 142 13.11 -8.83 -2.03
C GLY A 142 13.26 -8.47 -0.56
N GLU A 143 13.48 -9.48 0.29
CA GLU A 143 13.71 -9.22 1.71
C GLU A 143 15.05 -8.54 1.94
N THR A 144 16.07 -8.93 1.16
CA THR A 144 17.39 -8.32 1.27
C THR A 144 17.32 -6.82 1.04
N LEU A 145 16.65 -6.41 -0.04
CA LEU A 145 16.57 -5.00 -0.36
C LEU A 145 15.81 -4.22 0.69
N ILE A 146 14.78 -4.83 1.29
CA ILE A 146 14.04 -4.17 2.35
C ILE A 146 14.92 -3.96 3.57
N ALA A 147 15.70 -4.99 3.95
CA ALA A 147 16.64 -4.84 5.05
C ALA A 147 17.65 -3.72 4.78
N LEU A 148 18.15 -3.65 3.53
CA LEU A 148 19.04 -2.56 3.17
C LEU A 148 18.35 -1.21 3.29
N LYS A 149 17.06 -1.15 2.94
CA LYS A 149 16.32 0.10 3.05
C LYS A 149 16.18 0.53 4.50
N VAL A 150 15.95 -0.42 5.42
CA VAL A 150 15.91 -0.10 6.84
C VAL A 150 17.23 0.54 7.27
N GLN A 151 18.36 -0.08 6.89
CA GLN A 151 19.66 0.45 7.25
C GLN A 151 19.87 1.83 6.66
N GLN A 152 19.49 2.03 5.40
CA GLN A 152 19.64 3.35 4.78
C GLN A 152 18.83 4.39 5.52
N CYS A 153 17.60 4.06 5.90
CA CYS A 153 16.77 4.98 6.67
C CYS A 153 17.39 5.30 8.02
N GLU A 154 17.91 4.27 8.72
CA GLU A 154 18.55 4.52 10.01
C GLU A 154 19.75 5.44 9.87
N LYS A 155 20.55 5.24 8.82
CA LYS A 155 21.72 6.10 8.63
C LYS A 155 21.32 7.54 8.33
N ALA A 156 20.15 7.75 7.73
CA ALA A 156 19.67 9.11 7.48
C ALA A 156 19.16 9.79 8.73
N GLY A 157 19.13 9.11 9.87
CA GLY A 157 18.70 9.72 11.12
C GLY A 157 17.22 9.75 11.37
N THR A 159 13.41 8.75 12.74
CA THR A 159 12.83 8.13 13.91
C THR A 159 12.35 6.72 13.58
N PHE A 160 12.02 5.97 14.62
CA PHE A 160 11.52 4.60 14.43
C PHE A 160 10.29 4.60 13.53
N GLU A 161 9.29 5.43 13.85
CA GLU A 161 8.08 5.47 13.03
C GLU A 161 8.36 5.99 11.63
N GLU A 162 9.33 6.90 11.48
CA GLU A 162 9.71 7.36 10.15
C GLU A 162 10.31 6.21 9.34
N VAL A 163 11.13 5.36 9.97
CA VAL A 163 11.67 4.20 9.28
C VAL A 163 10.54 3.29 8.80
N VAL A 164 9.56 3.04 9.68
CA VAL A 164 8.46 2.16 9.31
C VAL A 164 7.73 2.69 8.09
N GLU A 165 7.42 4.00 8.09
CA GLU A 165 6.66 4.59 6.98
C GLU A 165 7.44 4.51 5.67
N SER A 166 8.73 4.86 5.71
CA SER A 166 9.52 4.88 4.47
C SER A 166 9.74 3.47 3.93
N VAL A 167 9.93 2.49 4.83
CA VAL A 167 10.17 1.13 4.37
C VAL A 167 8.87 0.52 3.83
N GLU A 168 7.74 0.82 4.47
N GLU A 168 7.75 0.82 4.48
CA GLU A 168 6.48 0.33 3.92
CA GLU A 168 6.45 0.39 3.96
C GLU A 168 6.18 0.96 2.56
C GLU A 168 6.22 0.95 2.56
N CYS A 169 6.63 2.19 2.33
CA CYS A 169 6.48 2.79 1.00
C CYS A 169 7.37 2.08 -0.01
N TYR A 170 8.62 1.79 0.37
CA TYR A 170 9.50 1.06 -0.54
C TYR A 170 8.94 -0.31 -0.89
N ILE A 171 8.34 -1.00 0.10
CA ILE A 171 7.72 -2.29 -0.16
C ILE A 171 6.62 -2.15 -1.20
N GLU A 172 5.84 -1.06 -1.13
CA GLU A 172 4.79 -0.82 -2.11
C GLU A 172 5.36 -0.56 -3.49
N GLU A 173 6.52 0.10 -3.58
CA GLU A 173 7.15 0.34 -4.87
C GLU A 173 7.87 -0.88 -5.41
N GLN A 174 8.22 -1.83 -4.55
CA GLN A 174 9.06 -2.96 -4.92
C GLN A 174 8.27 -4.02 -5.68
N HIS A 175 8.86 -4.52 -6.78
CA HIS A 175 8.29 -5.59 -7.59
C HIS A 175 9.28 -6.73 -7.73
N THR A 176 8.74 -7.96 -7.79
CA THR A 176 9.54 -9.18 -7.86
C THR A 176 9.21 -9.95 -9.13
N TYR A 177 10.24 -10.53 -9.75
CA TYR A 177 10.10 -11.32 -10.96
C TYR A 177 11.04 -12.51 -10.88
N PHE A 178 10.65 -13.62 -11.51
CA PHE A 178 11.56 -14.75 -11.55
C PHE A 178 11.23 -15.68 -12.70
N VAL A 179 12.25 -16.39 -13.17
CA VAL A 179 12.11 -17.46 -14.16
C VAL A 179 12.86 -18.67 -13.63
N LEU A 180 12.19 -19.82 -13.61
CA LEU A 180 12.76 -21.06 -13.08
C LEU A 180 12.83 -22.11 -14.18
N GLU A 181 13.74 -23.06 -13.98
CA GLU A 181 13.72 -24.29 -14.77
C GLU A 181 12.72 -25.29 -14.21
N ASN A 182 12.46 -25.25 -12.91
CA ASN A 182 11.65 -26.27 -12.24
C ASN A 182 10.69 -25.58 -11.27
N LEU A 183 9.44 -25.44 -11.68
CA LEU A 183 8.38 -24.84 -10.87
C LEU A 183 7.68 -25.85 -9.97
N ASP A 184 8.11 -27.11 -9.96
CA ASP A 184 7.35 -28.17 -9.31
C ASP A 184 7.26 -27.96 -7.80
N THR A 185 8.34 -27.47 -7.18
CA THR A 185 8.34 -27.33 -5.73
C THR A 185 7.35 -26.26 -5.28
N LEU A 186 7.31 -25.13 -5.98
CA LEU A 186 6.31 -24.11 -5.67
C LEU A 186 4.89 -24.63 -5.95
N ARG A 187 4.73 -25.42 -7.00
N ARG A 187 4.72 -25.42 -7.01
CA ARG A 187 3.40 -25.90 -7.37
CA ARG A 187 3.40 -25.90 -7.37
C ARG A 187 2.90 -26.95 -6.40
C ARG A 187 2.90 -26.95 -6.38
N LYS A 188 3.75 -27.94 -6.08
CA LYS A 188 3.31 -29.02 -5.19
C LYS A 188 3.09 -28.55 -3.76
N ASN A 189 3.81 -27.52 -3.33
CA ASN A 189 3.64 -27.00 -1.97
C ASN A 189 2.54 -25.95 -1.88
N GLY A 190 1.74 -25.78 -2.92
CA GLY A 190 0.57 -24.92 -2.86
C GLY A 190 0.85 -23.44 -2.94
N ARG A 191 1.95 -23.04 -3.57
CA ARG A 191 2.32 -21.63 -3.69
C ARG A 191 1.97 -21.04 -5.04
N LEU A 192 1.34 -21.80 -5.93
CA LEU A 192 0.99 -21.34 -7.27
C LEU A 192 -0.50 -21.46 -7.54
N THR A 193 -1.33 -21.36 -6.51
CA THR A 193 -2.76 -21.58 -6.67
C THR A 193 -3.38 -20.49 -7.54
N GLY A 194 -4.32 -20.90 -8.40
CA GLY A 194 -4.95 -20.01 -9.35
C GLY A 194 -4.26 -19.95 -10.70
N ILE A 195 -2.94 -20.08 -10.73
CA ILE A 195 -2.21 -20.00 -11.99
C ILE A 195 -2.44 -21.27 -12.80
N LYS A 196 -2.74 -21.10 -14.08
CA LYS A 196 -2.87 -22.24 -14.97
C LYS A 196 -1.52 -22.85 -15.28
N SER A 197 -1.44 -24.18 -15.25
CA SER A 197 -0.20 -24.88 -15.57
C SER A 197 0.11 -24.77 -17.07
N ALA A 200 0.19 -28.04 -20.48
CA ALA A 200 1.52 -28.44 -20.94
C ALA A 200 1.64 -28.32 -22.46
N GLY A 201 2.23 -27.22 -22.91
CA GLY A 201 2.43 -27.00 -24.34
C GLY A 201 3.83 -27.40 -24.79
N ALA A 202 4.57 -26.45 -25.35
CA ALA A 202 5.95 -26.73 -25.76
C ALA A 202 6.80 -27.10 -24.56
N LEU A 203 7.64 -28.13 -24.73
CA LEU A 203 8.39 -28.65 -23.60
C LEU A 203 9.43 -27.68 -23.07
N ASN A 204 9.87 -26.71 -23.89
CA ASN A 204 10.84 -25.71 -23.45
C ASN A 204 10.20 -24.37 -23.09
N ILE A 205 8.88 -24.35 -22.90
CA ILE A 205 8.21 -23.12 -22.47
C ILE A 205 8.68 -22.75 -21.08
N LYS A 206 9.09 -21.50 -20.91
CA LYS A 206 9.53 -20.98 -19.61
C LYS A 206 8.62 -19.85 -19.18
N PRO A 207 7.79 -20.01 -18.17
CA PRO A 207 6.95 -18.89 -17.71
C PRO A 207 7.80 -17.84 -17.01
N ILE A 208 7.47 -16.57 -17.28
CA ILE A 208 8.02 -15.45 -16.53
C ILE A 208 7.03 -15.16 -15.40
N GLY A 210 6.01 -13.49 -11.41
CA GLY A 210 6.24 -12.28 -10.65
C GLY A 210 5.31 -12.18 -9.49
N SER A 211 5.58 -11.19 -8.65
CA SER A 211 4.70 -10.89 -7.53
C SER A 211 3.46 -10.12 -8.00
N THR A 212 2.42 -10.20 -7.19
CA THR A 212 1.31 -9.27 -7.19
C THR A 212 1.47 -8.30 -6.04
N PRO A 213 0.80 -7.13 -6.08
CA PRO A 213 0.91 -6.20 -4.95
C PRO A 213 0.51 -6.80 -3.61
N GLN A 214 -0.30 -7.86 -3.61
CA GLN A 214 -0.69 -8.52 -2.37
C GLN A 214 0.33 -9.54 -1.88
N GLY A 215 1.34 -9.86 -2.68
CA GLY A 215 2.34 -10.83 -2.27
C GLY A 215 2.09 -12.24 -2.71
N THR A 216 1.21 -12.45 -3.69
CA THR A 216 1.04 -13.76 -4.32
C THR A 216 1.86 -13.82 -5.60
N ILE A 217 1.91 -15.00 -6.20
CA ILE A 217 2.66 -15.23 -7.43
C ILE A 217 1.68 -15.24 -8.59
N CYS A 218 2.06 -14.59 -9.70
CA CYS A 218 1.28 -14.63 -10.93
C CYS A 218 2.22 -14.87 -12.10
N GLN A 219 1.64 -15.22 -13.24
CA GLN A 219 2.40 -15.36 -14.47
C GLN A 219 2.34 -14.04 -15.24
N LYS A 220 3.52 -13.52 -15.60
CA LYS A 220 3.61 -12.26 -16.31
C LYS A 220 3.79 -12.42 -17.82
N GLU A 221 4.49 -13.47 -18.25
CA GLU A 221 4.75 -13.72 -19.66
C GLU A 221 5.17 -15.17 -19.81
N LYS A 222 5.56 -15.55 -21.03
CA LYS A 222 6.05 -16.89 -21.31
C LYS A 222 6.89 -16.82 -22.57
N ALA A 223 7.84 -17.75 -22.68
CA ALA A 223 8.70 -17.80 -23.86
C ALA A 223 9.25 -19.21 -24.01
N ARG A 224 9.49 -19.61 -25.25
CA ARG A 224 10.09 -20.90 -25.54
C ARG A 224 11.59 -20.79 -25.33
N GLY A 225 12.11 -21.43 -24.31
CA GLY A 225 13.54 -21.39 -24.10
C GLY A 225 13.96 -20.29 -23.12
N LYS A 227 16.77 -18.38 -22.93
CA LYS A 227 17.36 -17.14 -23.45
C LYS A 227 16.28 -16.12 -23.77
N LYS A 228 15.20 -16.56 -24.41
CA LYS A 228 14.11 -15.68 -24.77
C LYS A 228 13.30 -15.28 -23.54
N ALA A 229 13.17 -16.19 -22.57
CA ALA A 229 12.44 -15.86 -21.35
C ALA A 229 13.17 -14.79 -20.55
N LEU A 230 14.51 -14.83 -20.53
CA LEU A 230 15.25 -13.81 -19.80
C LEU A 230 15.06 -12.43 -20.40
N VAL A 231 14.99 -12.37 -21.74
CA VAL A 231 14.72 -11.09 -22.40
C VAL A 231 13.34 -10.58 -22.04
N LYS A 232 12.34 -11.47 -22.09
CA LYS A 232 10.98 -11.06 -21.75
C LYS A 232 10.88 -10.61 -20.30
N ALA A 234 13.34 -9.26 -18.55
CA ALA A 234 13.96 -7.94 -18.54
C ALA A 234 13.01 -6.87 -19.05
N ASP A 235 12.20 -7.19 -20.07
CA ASP A 235 11.19 -6.25 -20.54
C ASP A 235 10.12 -6.01 -19.48
N CYS A 236 9.70 -7.06 -18.78
CA CYS A 236 8.68 -6.91 -17.74
C CYS A 236 9.17 -6.02 -16.61
N VAL A 237 10.42 -6.21 -16.17
CA VAL A 237 10.99 -5.36 -15.13
C VAL A 237 11.01 -3.91 -15.59
N ALA A 238 11.50 -3.68 -16.82
CA ALA A 238 11.63 -2.32 -17.32
C ALA A 238 10.28 -1.65 -17.51
N ALA A 239 9.24 -2.42 -17.83
CA ALA A 239 7.92 -1.85 -18.04
C ALA A 239 7.27 -1.36 -16.75
N ASP A 240 7.66 -1.90 -15.60
CA ASP A 240 7.06 -1.52 -14.33
C ASP A 240 7.90 -0.56 -13.52
N VAL A 241 9.21 -0.51 -13.73
CA VAL A 241 10.08 0.25 -12.84
C VAL A 241 9.87 1.74 -13.07
N VAL A 242 9.87 2.49 -11.97
CA VAL A 242 9.80 3.95 -12.01
C VAL A 242 10.87 4.49 -11.07
N ASN A 243 11.44 5.64 -11.45
CA ASN A 243 12.49 6.30 -10.67
C ASN A 243 13.62 5.31 -10.36
N ALA A 244 14.07 4.62 -11.41
CA ALA A 244 15.05 3.54 -11.22
C ALA A 244 16.38 4.06 -10.71
N GLY A 245 16.68 5.34 -10.96
CA GLY A 245 17.92 5.92 -10.47
C GLY A 245 18.00 5.99 -8.96
N ASP A 246 16.87 5.94 -8.27
CA ASP A 246 16.84 5.97 -6.81
C ASP A 246 16.92 4.59 -6.18
N LYS A 247 16.96 3.52 -6.96
CA LYS A 247 16.73 2.19 -6.45
C LYS A 247 17.90 1.26 -6.74
N ILE A 248 18.05 0.26 -5.88
CA ILE A 248 19.05 -0.80 -6.05
C ILE A 248 18.35 -2.01 -6.65
N LEU A 249 18.99 -2.63 -7.64
CA LEU A 249 18.46 -3.84 -8.27
C LEU A 249 19.21 -5.04 -7.73
N ALA A 250 18.46 -6.06 -7.31
CA ALA A 250 19.05 -7.27 -6.76
C ALA A 250 18.70 -8.46 -7.65
N ILE A 251 19.66 -9.36 -7.81
CA ILE A 251 19.49 -10.59 -8.58
C ILE A 251 19.97 -11.74 -7.73
N ALA A 252 19.11 -12.72 -7.51
CA ALA A 252 19.49 -13.97 -6.87
C ALA A 252 19.47 -15.08 -7.90
N HIS A 253 20.49 -15.94 -7.85
CA HIS A 253 20.60 -17.06 -8.77
C HIS A 253 20.89 -18.33 -8.00
N CYS A 254 20.39 -19.44 -8.50
CA CYS A 254 20.62 -20.76 -7.92
C CYS A 254 21.53 -21.53 -8.87
N ASN A 255 22.83 -21.52 -8.58
CA ASN A 255 23.82 -22.30 -9.33
C ASN A 255 23.83 -21.92 -10.81
N CYS A 256 23.70 -20.63 -11.11
CA CYS A 256 23.83 -20.16 -12.48
C CYS A 256 24.27 -18.69 -12.52
N GLU A 257 25.54 -18.44 -12.16
CA GLU A 257 25.97 -17.06 -12.00
C GLU A 257 26.15 -16.36 -13.34
N GLU A 258 26.57 -17.09 -14.38
CA GLU A 258 26.66 -16.47 -15.69
C GLU A 258 25.29 -16.07 -16.22
N ARG A 259 24.27 -16.86 -15.93
CA ARG A 259 22.90 -16.45 -16.27
C ARG A 259 22.50 -15.19 -15.50
N ALA A 260 22.92 -15.09 -14.24
CA ALA A 260 22.64 -13.88 -13.47
C ALA A 260 23.32 -12.67 -14.09
N LYS A 261 24.59 -12.82 -14.51
CA LYS A 261 25.28 -11.70 -15.13
C LYS A 261 24.66 -11.30 -16.45
N GLU A 262 24.10 -12.26 -17.19
CA GLU A 262 23.42 -11.92 -18.44
C GLU A 262 22.14 -11.14 -18.18
N VAL A 263 21.37 -11.54 -17.17
CA VAL A 263 20.18 -10.80 -16.79
C VAL A 263 20.54 -9.38 -16.38
N GLN A 264 21.62 -9.24 -15.61
CA GLN A 264 22.09 -7.92 -15.21
C GLN A 264 22.41 -7.07 -16.44
N ARG A 265 23.05 -7.67 -17.44
CA ARG A 265 23.39 -6.95 -18.66
C ARG A 265 22.13 -6.52 -19.43
N LEU A 266 21.16 -7.42 -19.55
CA LEU A 266 19.92 -7.08 -20.24
C LEU A 266 19.18 -5.95 -19.53
N LEU A 267 19.20 -5.95 -18.20
CA LEU A 267 18.50 -4.90 -17.47
C LEU A 267 19.20 -3.56 -17.59
N LYS A 268 20.53 -3.57 -17.60
CA LYS A 268 21.28 -2.32 -17.76
C LYS A 268 21.04 -1.67 -19.11
N GLU A 269 20.75 -2.47 -20.14
CA GLU A 269 20.39 -1.90 -21.43
C GLU A 269 19.06 -1.17 -21.40
N ARG A 270 18.19 -1.47 -20.44
CA ARG A 270 16.83 -0.97 -20.45
C ARG A 270 16.58 0.19 -19.49
N PHE A 271 17.32 0.26 -18.38
CA PHE A 271 17.15 1.37 -17.44
C PHE A 271 18.39 1.45 -16.56
N ALA A 272 18.60 2.63 -15.98
CA ALA A 272 19.75 2.90 -15.13
C ALA A 272 19.31 2.85 -13.67
N VAL A 273 20.05 2.11 -12.85
CA VAL A 273 19.77 1.99 -11.44
C VAL A 273 20.90 2.66 -10.65
N LYS A 274 20.65 2.90 -9.36
CA LYS A 274 21.70 3.43 -8.51
C LYS A 274 22.85 2.44 -8.40
N SER A 275 22.56 1.17 -8.21
CA SER A 275 23.54 0.10 -8.17
C SER A 275 22.81 -1.22 -8.27
N SER A 276 23.57 -2.29 -8.45
CA SER A 276 22.98 -3.62 -8.52
C SER A 276 23.96 -4.63 -7.94
N PHE A 277 23.43 -5.74 -7.44
CA PHE A 277 24.27 -6.80 -6.91
C PHE A 277 23.62 -8.14 -7.19
N ILE A 278 24.46 -9.18 -7.20
CA ILE A 278 24.06 -10.56 -7.44
C ILE A 278 24.45 -11.39 -6.23
N VAL A 279 23.56 -12.28 -5.79
CA VAL A 279 23.83 -13.16 -4.66
C VAL A 279 23.39 -14.58 -5.00
N ASP A 280 24.01 -15.56 -4.34
CA ASP A 280 23.56 -16.94 -4.41
C ASP A 280 22.31 -17.11 -3.56
N THR A 281 21.42 -17.98 -4.00
CA THR A 281 20.16 -18.20 -3.30
C THR A 281 20.40 -18.82 -1.93
N SER A 282 19.57 -18.42 -0.97
CA SER A 282 19.57 -19.03 0.36
C SER A 282 19.01 -20.45 0.28
N GLY A 283 19.02 -21.12 1.43
CA GLY A 283 18.47 -22.47 1.47
C GLY A 283 17.01 -22.53 1.08
N ILE A 284 16.18 -21.66 1.67
CA ILE A 284 14.77 -21.64 1.30
C ILE A 284 14.61 -21.22 -0.16
N SER A 285 15.36 -20.20 -0.59
CA SER A 285 15.29 -19.77 -1.98
C SER A 285 15.71 -20.88 -2.93
N THR A 286 16.77 -21.62 -2.56
CA THR A 286 17.20 -22.75 -3.39
C THR A 286 16.11 -23.81 -3.50
N VAL A 287 15.46 -24.13 -2.37
CA VAL A 287 14.44 -25.17 -2.36
C VAL A 287 13.33 -24.86 -3.35
N TYR A 288 12.89 -23.61 -3.39
CA TYR A 288 11.75 -23.25 -4.24
C TYR A 288 12.15 -22.73 -5.62
N ALA A 289 13.32 -22.12 -5.76
CA ALA A 289 13.77 -21.70 -7.09
C ALA A 289 14.36 -22.85 -7.89
N ASN A 290 15.02 -23.78 -7.20
CA ASN A 290 15.63 -24.96 -7.79
C ASN A 290 16.83 -24.62 -8.68
N ASP A 291 17.57 -25.64 -9.09
CA ASP A 291 18.75 -25.48 -9.94
C ASP A 291 18.43 -24.66 -11.18
N GLY A 292 19.20 -23.60 -11.39
CA GLY A 292 19.05 -22.77 -12.57
C GLY A 292 18.06 -21.64 -12.47
N GLY A 293 17.47 -21.40 -11.29
CA GLY A 293 16.50 -20.34 -11.16
C GLY A 293 17.14 -18.97 -11.01
N ILE A 294 16.39 -17.94 -11.44
CA ILE A 294 16.82 -16.55 -11.38
C ILE A 294 15.68 -15.72 -10.82
N ILE A 295 15.99 -14.86 -9.84
CA ILE A 295 15.02 -13.96 -9.22
C ILE A 295 15.55 -12.53 -9.36
N VAL A 296 14.68 -11.62 -9.78
CA VAL A 296 15.03 -10.21 -9.95
C VAL A 296 14.07 -9.36 -9.15
N VAL A 297 14.59 -8.37 -8.42
CA VAL A 297 13.79 -7.46 -7.62
C VAL A 297 14.34 -6.05 -7.76
N VAL A 298 13.45 -5.09 -7.98
CA VAL A 298 13.84 -3.69 -7.96
C VAL A 298 12.63 -2.84 -7.53
N LYS B 18 5.40 34.21 -14.59
CA LYS B 18 5.64 32.82 -14.98
C LYS B 18 4.38 31.96 -14.74
N ASP B 19 4.18 30.98 -15.60
CA ASP B 19 3.06 30.06 -15.44
C ASP B 19 3.22 29.24 -14.16
N SER B 21 3.59 26.07 -11.94
CA SER B 21 4.31 24.83 -12.23
C SER B 21 3.40 23.62 -12.18
N TYR B 22 2.33 23.67 -11.37
CA TYR B 22 1.44 22.53 -11.26
C TYR B 22 0.08 23.00 -10.77
N LYS B 23 -0.93 22.19 -11.05
CA LYS B 23 -2.28 22.39 -10.53
C LYS B 23 -2.82 21.05 -10.04
N VAL B 24 -3.52 21.08 -8.91
CA VAL B 24 -4.14 19.90 -8.32
C VAL B 24 -5.65 20.01 -8.52
N ILE B 25 -6.20 19.10 -9.31
CA ILE B 25 -7.65 19.04 -9.56
C ILE B 25 -8.25 18.04 -8.59
N VAL B 26 -9.27 18.46 -7.85
CA VAL B 26 -9.95 17.60 -6.87
C VAL B 26 -11.43 17.63 -7.19
N ASP B 27 -12.08 16.45 -7.20
CA ASP B 27 -13.52 16.51 -7.41
C ASP B 27 -14.19 17.10 -6.17
N SER B 28 -15.43 17.56 -6.34
CA SER B 28 -16.04 18.42 -5.34
C SER B 28 -16.26 17.74 -4.01
N CYS B 29 -16.18 16.41 -3.93
CA CYS B 29 -16.33 15.77 -2.63
C CYS B 29 -15.19 16.15 -1.68
N GLY B 30 -14.01 16.42 -2.22
CA GLY B 30 -12.86 16.78 -1.39
C GLY B 30 -12.89 18.22 -0.93
N GLU B 31 -13.06 18.43 0.38
CA GLU B 31 -13.18 19.77 0.92
C GLU B 31 -11.86 20.54 0.81
N PHE B 32 -11.97 21.85 0.71
CA PHE B 32 -10.82 22.74 0.72
C PHE B 32 -10.80 23.51 2.03
N THR B 33 -9.61 23.58 2.65
CA THR B 33 -9.41 24.49 3.76
C THR B 33 -9.38 25.93 3.24
N PRO B 34 -9.52 26.93 4.12
CA PRO B 34 -9.37 28.31 3.67
C PRO B 34 -8.05 28.58 2.98
N GLU B 35 -6.96 27.97 3.45
N GLU B 35 -6.96 27.98 3.48
CA GLU B 35 -5.65 28.16 2.83
CA GLU B 35 -5.65 28.14 2.85
C GLU B 35 -5.61 27.59 1.42
C GLU B 35 -5.68 27.64 1.41
N LYS B 37 -8.40 27.17 -0.53
CA LYS B 37 -9.33 28.00 -1.30
C LYS B 37 -8.66 29.25 -1.85
N ALA B 38 -7.73 29.82 -1.08
CA ALA B 38 -7.01 31.02 -1.52
C ALA B 38 -5.84 30.68 -2.44
N ASP B 39 -5.53 29.40 -2.62
CA ASP B 39 -4.42 28.95 -3.45
C ASP B 39 -4.96 28.53 -4.81
N GLY B 40 -4.51 29.21 -5.86
CA GLY B 40 -4.92 28.85 -7.22
C GLY B 40 -4.35 27.53 -7.71
N GLY B 41 -3.45 26.91 -6.95
CA GLY B 41 -2.96 25.58 -7.29
C GLY B 41 -3.94 24.47 -6.98
N PHE B 42 -5.05 24.78 -6.33
CA PHE B 42 -6.11 23.81 -6.05
C PHE B 42 -7.37 24.25 -6.77
N GLU B 43 -8.01 23.31 -7.46
CA GLU B 43 -9.19 23.62 -8.26
C GLU B 43 -10.16 22.45 -8.20
N HIS B 44 -11.44 22.75 -8.04
CA HIS B 44 -12.47 21.73 -7.95
C HIS B 44 -13.09 21.43 -9.31
N VAL B 45 -13.50 20.18 -9.49
CA VAL B 45 -14.38 19.77 -10.58
C VAL B 45 -15.65 19.23 -9.93
N ALA B 46 -16.79 19.81 -10.28
CA ALA B 46 -18.02 19.64 -9.51
C ALA B 46 -18.79 18.39 -9.90
N LEU B 47 -19.33 17.71 -8.89
CA LEU B 47 -20.33 16.67 -9.11
C LEU B 47 -21.72 17.30 -9.11
N GLY B 48 -22.73 16.50 -9.45
CA GLY B 48 -24.11 16.93 -9.46
C GLY B 48 -24.89 16.32 -8.30
N ILE B 49 -25.91 17.04 -7.85
CA ILE B 49 -26.76 16.59 -6.75
C ILE B 49 -28.22 16.77 -7.16
N GLN B 50 -28.99 15.69 -7.06
CA GLN B 50 -30.40 15.70 -7.43
C GLN B 50 -31.23 15.27 -6.23
N ILE B 51 -32.14 16.14 -5.80
CA ILE B 51 -33.05 15.84 -4.70
C ILE B 51 -34.45 16.19 -5.18
N GLU B 52 -35.27 15.17 -5.43
CA GLU B 52 -36.61 15.32 -5.99
C GLU B 52 -36.57 16.16 -7.26
N ASP B 53 -37.21 17.32 -7.26
CA ASP B 53 -37.30 18.15 -8.44
C ASP B 53 -36.13 19.11 -8.60
N THR B 54 -35.15 19.07 -7.71
CA THR B 54 -34.10 20.07 -7.65
C THR B 54 -32.75 19.48 -8.04
N GLN B 55 -32.04 20.15 -8.93
CA GLN B 55 -30.69 19.79 -9.33
C GLN B 55 -29.74 20.89 -8.92
N TRP B 56 -28.65 20.52 -8.26
CA TRP B 56 -27.63 21.47 -7.83
C TRP B 56 -26.27 21.03 -8.34
N THR B 57 -25.46 22.00 -8.72
CA THR B 57 -24.03 21.78 -8.91
C THR B 57 -23.34 21.89 -7.55
N ASP B 58 -22.48 20.92 -7.23
CA ASP B 58 -21.76 20.95 -5.96
C ASP B 58 -20.57 21.89 -6.09
N ASP B 59 -20.80 23.17 -5.82
CA ASP B 59 -19.74 24.16 -5.81
C ASP B 59 -19.98 25.11 -4.63
N ASP B 60 -19.16 26.17 -4.55
CA ASP B 60 -19.19 27.04 -3.40
C ASP B 60 -20.47 27.87 -3.32
N SER B 61 -21.23 27.98 -4.41
CA SER B 61 -22.48 28.72 -4.38
C SER B 61 -23.62 27.92 -3.75
N LEU B 62 -23.43 26.64 -3.48
CA LEU B 62 -24.44 25.81 -2.82
C LEU B 62 -24.21 25.84 -1.32
N LYS B 63 -25.17 26.40 -0.58
CA LYS B 63 -25.06 26.47 0.86
C LYS B 63 -25.43 25.14 1.49
N GLN B 64 -24.64 24.72 2.49
CA GLN B 64 -24.90 23.45 3.15
C GLN B 64 -26.26 23.44 3.84
N GLU B 65 -26.68 24.58 4.42
CA GLU B 65 -27.96 24.62 5.10
C GLU B 65 -29.10 24.37 4.13
N GLU B 66 -29.04 24.98 2.94
N GLU B 66 -29.04 24.96 2.93
CA GLU B 66 -30.07 24.74 1.93
CA GLU B 66 -30.08 24.74 1.95
C GLU B 66 -30.12 23.28 1.54
C GLU B 66 -30.13 23.29 1.49
N LEU B 67 -28.97 22.64 1.40
CA LEU B 67 -28.93 21.22 1.07
C LEU B 67 -29.52 20.38 2.20
N LEU B 68 -29.12 20.65 3.44
CA LEU B 68 -29.64 19.90 4.57
C LEU B 68 -31.14 20.10 4.73
N LEU B 69 -31.63 21.33 4.54
CA LEU B 69 -33.07 21.56 4.65
C LEU B 69 -33.83 20.82 3.56
N LYS B 70 -33.28 20.78 2.34
CA LYS B 70 -33.92 20.07 1.25
C LYS B 70 -33.96 18.57 1.52
N ILE B 71 -32.85 18.00 2.01
CA ILE B 71 -32.82 16.59 2.39
C ILE B 71 -33.86 16.32 3.47
N ALA B 72 -33.94 17.20 4.47
CA ALA B 72 -34.88 17.00 5.58
C ALA B 72 -36.32 16.99 5.09
N GLU B 73 -36.64 17.80 4.08
CA GLU B 73 -38.01 17.89 3.62
C GLU B 73 -38.37 16.81 2.62
N SER B 74 -37.39 16.31 1.87
CA SER B 74 -37.66 15.35 0.81
C SER B 74 -37.76 13.95 1.40
N THR B 75 -38.88 13.28 1.12
CA THR B 75 -38.97 11.85 1.43
C THR B 75 -38.17 11.02 0.44
N SER B 76 -37.86 11.56 -0.73
CA SER B 76 -37.09 10.85 -1.73
C SER B 76 -35.59 10.95 -1.42
N CYS B 77 -34.89 9.83 -1.55
CA CYS B 77 -33.47 9.80 -1.28
C CYS B 77 -32.71 10.60 -2.35
N ALA B 78 -31.67 11.31 -1.91
CA ALA B 78 -30.87 12.10 -2.82
C ALA B 78 -30.09 11.21 -3.78
N LYS B 79 -29.84 11.75 -4.98
CA LYS B 79 -29.02 11.08 -5.98
C LYS B 79 -27.92 12.02 -6.42
N THR B 80 -26.79 11.45 -6.82
CA THR B 80 -25.63 12.24 -7.24
C THR B 80 -25.09 11.71 -8.56
N SER B 81 -24.25 12.52 -9.20
CA SER B 81 -23.64 12.16 -10.47
C SER B 81 -22.19 12.63 -10.49
N CYS B 82 -21.32 11.80 -11.04
CA CYS B 82 -19.91 12.13 -11.12
C CYS B 82 -19.65 13.05 -12.31
N PRO B 83 -18.49 13.69 -12.36
CA PRO B 83 -18.17 14.55 -13.51
C PRO B 83 -17.92 13.71 -14.76
N SER B 84 -18.12 14.34 -15.91
CA SER B 84 -17.92 13.68 -17.18
C SER B 84 -16.45 13.71 -17.58
N PRO B 85 -16.01 12.77 -18.42
CA PRO B 85 -14.63 12.83 -18.92
C PRO B 85 -14.33 14.11 -19.68
N GLU B 86 -15.32 14.67 -20.38
CA GLU B 86 -15.11 15.93 -21.10
C GLU B 86 -14.82 17.07 -20.14
N ARG B 87 -15.54 17.11 -19.02
CA ARG B 87 -15.29 18.14 -18.01
C ARG B 87 -13.88 18.00 -17.43
N TYR B 88 -13.46 16.77 -17.15
CA TYR B 88 -12.11 16.56 -16.64
C TYR B 88 -11.06 17.00 -17.66
N GLU B 90 -11.27 19.25 -19.99
CA GLU B 90 -11.21 20.71 -20.02
C GLU B 90 -10.44 21.27 -18.84
N SER B 91 -10.60 20.67 -17.66
CA SER B 91 -9.87 21.14 -16.48
C SER B 91 -8.37 20.92 -16.63
N TYR B 92 -7.97 19.91 -17.40
CA TYR B 92 -6.54 19.66 -17.62
C TYR B 92 -5.91 20.65 -18.58
N HIS B 93 -6.72 21.23 -19.47
CA HIS B 93 -6.24 22.15 -20.50
C HIS B 93 -6.13 23.54 -19.88
N CYS B 94 -4.93 23.87 -19.40
CA CYS B 94 -4.70 25.15 -18.73
C CYS B 94 -3.19 25.43 -18.80
N ASP B 95 -2.81 26.58 -18.24
CA ASP B 95 -1.42 27.02 -18.33
C ASP B 95 -0.49 26.29 -17.37
N ALA B 96 -1.02 25.65 -16.33
CA ALA B 96 -0.17 24.90 -15.41
C ALA B 96 0.53 23.77 -16.16
N GLU B 97 1.80 23.53 -15.81
CA GLU B 97 2.61 22.56 -16.54
C GLU B 97 2.24 21.13 -16.18
N ARG B 98 2.14 20.82 -14.89
CA ARG B 98 1.84 19.49 -14.41
C ARG B 98 0.46 19.44 -13.79
N ILE B 99 -0.30 18.38 -14.07
CA ILE B 99 -1.66 18.22 -13.58
C ILE B 99 -1.72 16.99 -12.68
N TYR B 100 -2.20 17.18 -11.46
CA TYR B 100 -2.51 16.09 -10.55
C TYR B 100 -4.00 16.09 -10.27
N VAL B 101 -4.62 14.92 -10.30
CA VAL B 101 -6.07 14.78 -10.12
C VAL B 101 -6.33 13.87 -8.94
N VAL B 102 -7.21 14.30 -8.04
CA VAL B 102 -7.59 13.55 -6.85
C VAL B 102 -9.10 13.34 -6.89
N THR B 103 -9.52 12.09 -6.86
CA THR B 103 -10.94 11.76 -6.99
C THR B 103 -11.39 10.89 -5.83
N LEU B 104 -12.72 10.80 -5.68
CA LEU B 104 -13.37 9.81 -4.84
C LEU B 104 -12.86 8.40 -5.11
N SER B 105 -13.02 7.51 -4.14
CA SER B 105 -12.71 6.10 -4.34
C SER B 105 -13.36 5.57 -5.61
N ALA B 106 -12.57 4.86 -6.42
CA ALA B 106 -13.10 4.25 -7.63
C ALA B 106 -14.20 3.23 -7.34
N GLU B 107 -14.24 2.67 -6.13
CA GLU B 107 -15.28 1.72 -5.77
C GLU B 107 -16.59 2.39 -5.34
N LEU B 108 -16.58 3.70 -5.11
CA LEU B 108 -17.76 4.40 -4.65
C LEU B 108 -18.35 5.35 -5.68
N SER B 109 -17.66 5.62 -6.77
CA SER B 109 -18.08 6.64 -7.72
C SER B 109 -17.38 6.41 -9.05
N GLY B 110 -18.03 6.85 -10.13
CA GLY B 110 -17.39 6.87 -11.43
C GLY B 110 -16.43 8.00 -11.64
N SER B 111 -16.21 8.84 -10.62
CA SER B 111 -15.37 10.02 -10.79
C SER B 111 -13.95 9.66 -11.22
N TYR B 112 -13.37 8.62 -10.62
CA TYR B 112 -12.02 8.20 -11.00
C TYR B 112 -11.98 7.76 -12.46
N ASN B 113 -12.88 6.88 -12.86
CA ASN B 113 -12.87 6.40 -14.26
C ASN B 113 -13.06 7.54 -15.24
N SER B 114 -13.88 8.53 -14.89
CA SER B 114 -14.09 9.68 -15.77
C SER B 114 -12.83 10.53 -15.87
N ALA B 115 -12.11 10.70 -14.77
CA ALA B 115 -10.86 11.47 -14.80
C ALA B 115 -9.81 10.77 -15.66
N VAL B 116 -9.73 9.44 -15.56
CA VAL B 116 -8.77 8.70 -16.38
C VAL B 116 -9.15 8.79 -17.86
N LEU B 117 -10.44 8.63 -18.16
CA LEU B 117 -10.90 8.80 -19.54
C LEU B 117 -10.63 10.22 -20.03
N GLY B 118 -10.83 11.22 -19.17
CA GLY B 118 -10.51 12.59 -19.54
C GLY B 118 -9.05 12.77 -19.88
N LYS B 119 -8.17 12.07 -19.17
CA LYS B 119 -6.74 12.14 -19.50
C LYS B 119 -6.46 11.50 -20.86
N ASN B 120 -7.04 10.32 -21.11
CA ASN B 120 -6.85 9.65 -22.40
C ASN B 120 -7.34 10.53 -23.54
N LEU B 121 -8.50 11.17 -23.36
CA LEU B 121 -9.01 12.08 -24.38
C LEU B 121 -8.10 13.29 -24.54
N TYR B 122 -7.55 13.80 -23.43
CA TYR B 122 -6.66 14.94 -23.52
C TYR B 122 -5.46 14.63 -24.41
N GLU B 123 -4.78 13.50 -24.14
CA GLU B 123 -3.57 13.20 -24.88
C GLU B 123 -3.85 12.96 -26.36
N GLU B 124 -5.06 12.51 -26.69
CA GLU B 124 -5.43 12.34 -28.08
C GLU B 124 -5.69 13.66 -28.79
N GLU B 125 -6.20 14.67 -28.08
CA GLU B 125 -6.55 15.93 -28.70
C GLU B 125 -5.46 16.99 -28.63
N TYR B 126 -4.56 16.92 -27.65
CA TYR B 126 -3.55 17.95 -27.45
C TYR B 126 -2.18 17.30 -27.36
N GLY B 127 -1.15 18.15 -27.33
CA GLY B 127 0.20 17.67 -27.11
C GLY B 127 0.32 16.96 -25.78
N GLU B 128 1.32 16.08 -25.70
CA GLU B 128 1.53 15.31 -24.48
C GLU B 128 1.69 16.23 -23.28
N LYS B 129 1.07 15.85 -22.16
CA LYS B 129 1.13 16.63 -20.94
C LYS B 129 1.22 15.68 -19.75
N GLN B 130 1.99 16.07 -18.74
CA GLN B 130 2.12 15.29 -17.51
C GLN B 130 0.82 15.41 -16.71
N ILE B 131 0.01 14.36 -16.72
CA ILE B 131 -1.26 14.30 -16.00
C ILE B 131 -1.32 12.96 -15.27
N HIS B 132 -1.58 12.99 -13.97
CA HIS B 132 -1.76 11.76 -13.22
C HIS B 132 -3.03 11.84 -12.37
N VAL B 133 -3.83 10.78 -12.42
CA VAL B 133 -5.08 10.69 -11.66
C VAL B 133 -4.85 9.78 -10.46
N PHE B 134 -5.07 10.30 -9.26
CA PHE B 134 -4.96 9.53 -8.02
C PHE B 134 -6.34 9.04 -7.60
N ASN B 135 -6.52 7.71 -7.60
CA ASN B 135 -7.65 7.10 -6.92
C ASN B 135 -7.42 7.20 -5.42
N SER B 136 -8.18 8.05 -4.74
CA SER B 136 -7.97 8.25 -3.31
C SER B 136 -8.31 7.00 -2.50
N ARG B 137 -9.19 6.13 -3.01
CA ARG B 137 -9.82 5.04 -2.25
C ARG B 137 -10.38 5.59 -0.95
N SER B 138 -10.92 6.79 -0.99
CA SER B 138 -11.43 7.44 0.20
C SER B 138 -12.50 8.40 -0.26
N ALA B 139 -12.74 9.44 0.53
CA ALA B 139 -13.71 10.47 0.18
C ALA B 139 -13.43 11.62 1.12
N SER B 140 -14.11 12.74 0.87
CA SER B 140 -14.14 13.89 1.77
C SER B 140 -12.70 14.31 2.07
N VAL B 141 -12.30 14.42 3.34
CA VAL B 141 -10.98 14.93 3.66
C VAL B 141 -9.86 13.97 3.31
N GLY B 142 -10.17 12.71 2.97
CA GLY B 142 -9.17 11.84 2.41
C GLY B 142 -8.60 12.41 1.12
N GLU B 143 -9.47 12.97 0.27
CA GLU B 143 -9.01 13.64 -0.94
C GLU B 143 -8.25 14.92 -0.59
N THR B 144 -8.74 15.67 0.38
CA THR B 144 -8.08 16.90 0.82
C THR B 144 -6.62 16.62 1.21
N LEU B 145 -6.40 15.60 2.04
CA LEU B 145 -5.05 15.32 2.52
C LEU B 145 -4.13 14.85 1.40
N ILE B 146 -4.67 14.10 0.42
CA ILE B 146 -3.85 13.69 -0.72
C ILE B 146 -3.43 14.91 -1.52
N ALA B 147 -4.37 15.85 -1.73
CA ALA B 147 -4.04 17.09 -2.43
C ALA B 147 -2.95 17.86 -1.69
N LEU B 148 -3.04 17.92 -0.36
CA LEU B 148 -2.00 18.58 0.42
C LEU B 148 -0.67 17.85 0.28
N LYS B 149 -0.70 16.52 0.24
CA LYS B 149 0.54 15.77 0.10
C LYS B 149 1.20 16.02 -1.26
N VAL B 150 0.39 16.15 -2.31
CA VAL B 150 0.93 16.53 -3.62
C VAL B 150 1.67 17.84 -3.53
N GLN B 151 1.05 18.84 -2.90
CA GLN B 151 1.69 20.14 -2.74
C GLN B 151 2.97 20.03 -1.92
N GLN B 152 2.94 19.22 -0.87
CA GLN B 152 4.14 19.03 -0.04
C GLN B 152 5.27 18.41 -0.85
N CYS B 153 4.97 17.41 -1.68
CA CYS B 153 5.99 16.79 -2.51
C CYS B 153 6.52 17.76 -3.56
N GLU B 154 5.65 18.57 -4.16
CA GLU B 154 6.09 19.56 -5.11
C GLU B 154 7.00 20.59 -4.46
N LYS B 155 6.65 21.02 -3.24
CA LYS B 155 7.50 21.98 -2.53
C LYS B 155 8.83 21.36 -2.14
N ALA B 156 8.89 20.05 -1.96
CA ALA B 156 10.15 19.37 -1.68
C ALA B 156 11.05 19.25 -2.91
N GLY B 157 10.58 19.69 -4.08
CA GLY B 157 11.39 19.68 -5.27
C GLY B 157 11.44 18.39 -6.03
N THR B 159 10.54 15.41 -8.77
CA THR B 159 10.07 15.35 -10.14
C THR B 159 8.63 14.82 -10.18
N PHE B 160 8.02 14.94 -11.36
CA PHE B 160 6.64 14.49 -11.52
C PHE B 160 6.49 13.02 -11.15
N GLU B 161 7.34 12.16 -11.71
CA GLU B 161 7.29 10.73 -11.38
C GLU B 161 7.50 10.50 -9.89
N GLU B 162 8.37 11.29 -9.27
CA GLU B 162 8.65 11.13 -7.84
C GLU B 162 7.45 11.55 -7.00
N VAL B 163 6.78 12.64 -7.37
CA VAL B 163 5.56 13.03 -6.67
C VAL B 163 4.53 11.91 -6.75
N VAL B 164 4.34 11.35 -7.95
CA VAL B 164 3.32 10.32 -8.14
C VAL B 164 3.59 9.13 -7.23
N GLU B 165 4.85 8.67 -7.20
CA GLU B 165 5.19 7.50 -6.40
C GLU B 165 5.03 7.78 -4.92
N SER B 166 5.44 8.97 -4.47
CA SER B 166 5.35 9.30 -3.05
C SER B 166 3.89 9.43 -2.61
N VAL B 167 3.05 10.02 -3.46
CA VAL B 167 1.65 10.20 -3.08
C VAL B 167 0.91 8.86 -3.07
N GLU B 168 1.24 7.97 -4.01
N GLU B 168 1.24 7.98 -4.02
CA GLU B 168 0.60 6.66 -4.00
CA GLU B 168 0.64 6.65 -4.03
C GLU B 168 1.00 5.86 -2.77
C GLU B 168 0.99 5.88 -2.77
N CYS B 169 2.23 6.04 -2.29
CA CYS B 169 2.63 5.42 -1.03
C CYS B 169 1.80 5.95 0.13
N TYR B 170 1.60 7.27 0.17
CA TYR B 170 0.79 7.86 1.23
C TYR B 170 -0.64 7.32 1.19
N ILE B 171 -1.22 7.21 -0.01
CA ILE B 171 -2.58 6.70 -0.15
C ILE B 171 -2.71 5.32 0.49
N GLU B 172 -1.71 4.46 0.29
N GLU B 172 -1.71 4.46 0.28
CA GLU B 172 -1.74 3.14 0.91
CA GLU B 172 -1.71 3.14 0.91
C GLU B 172 -1.68 3.22 2.43
C GLU B 172 -1.72 3.26 2.43
N GLU B 173 -0.99 4.24 2.96
CA GLU B 173 -0.95 4.46 4.41
C GLU B 173 -2.27 5.01 4.94
N GLN B 174 -3.01 5.72 4.10
CA GLN B 174 -4.12 6.55 4.56
C GLN B 174 -5.34 5.69 4.86
N HIS B 175 -5.93 5.92 6.03
CA HIS B 175 -7.13 5.20 6.46
C HIS B 175 -8.25 6.19 6.75
N THR B 176 -9.48 5.77 6.48
CA THR B 176 -10.66 6.60 6.66
C THR B 176 -11.62 5.92 7.64
N TYR B 177 -12.24 6.73 8.49
CA TYR B 177 -13.19 6.26 9.48
C TYR B 177 -14.34 7.26 9.56
N PHE B 178 -15.53 6.77 9.87
CA PHE B 178 -16.65 7.70 10.05
C PHE B 178 -17.75 7.06 10.87
N VAL B 179 -18.48 7.92 11.57
CA VAL B 179 -19.70 7.56 12.31
C VAL B 179 -20.79 8.52 11.87
N LEU B 180 -21.93 7.98 11.46
CA LEU B 180 -23.04 8.78 10.98
C LEU B 180 -24.27 8.60 11.88
N GLU B 181 -25.13 9.61 11.86
CA GLU B 181 -26.45 9.45 12.46
C GLU B 181 -27.42 8.76 11.51
N ASN B 182 -27.21 8.90 10.21
CA ASN B 182 -28.14 8.42 9.20
C ASN B 182 -27.34 7.79 8.07
N LEU B 183 -27.36 6.45 8.00
CA LEU B 183 -26.66 5.71 6.97
C LEU B 183 -27.52 5.42 5.74
N ASP B 184 -28.74 5.95 5.69
CA ASP B 184 -29.70 5.52 4.68
C ASP B 184 -29.28 5.94 3.27
N THR B 185 -28.65 7.11 3.13
CA THR B 185 -28.29 7.57 1.80
C THR B 185 -27.20 6.70 1.19
N LEU B 186 -26.17 6.36 1.96
CA LEU B 186 -25.17 5.41 1.48
C LEU B 186 -25.81 4.04 1.20
N ARG B 187 -26.75 3.61 2.04
N ARG B 187 -26.75 3.61 2.04
CA ARG B 187 -27.35 2.30 1.87
CA ARG B 187 -27.36 2.30 1.88
C ARG B 187 -28.24 2.25 0.63
C ARG B 187 -28.25 2.25 0.65
N LYS B 188 -29.13 3.25 0.49
CA LYS B 188 -30.06 3.25 -0.64
C LYS B 188 -29.35 3.41 -1.98
N ASN B 189 -28.18 4.06 -1.99
CA ASN B 189 -27.46 4.28 -3.24
C ASN B 189 -26.42 3.20 -3.52
N GLY B 190 -26.44 2.10 -2.78
CA GLY B 190 -25.60 0.96 -3.10
C GLY B 190 -24.15 1.09 -2.70
N ARG B 191 -23.84 1.91 -1.70
CA ARG B 191 -22.46 2.13 -1.29
C ARG B 191 -22.06 1.32 -0.07
N LEU B 192 -22.97 0.54 0.52
CA LEU B 192 -22.69 -0.32 1.66
C LEU B 192 -22.99 -1.78 1.33
N THR B 193 -22.58 -2.22 0.13
CA THR B 193 -23.04 -3.50 -0.40
C THR B 193 -22.68 -4.67 0.52
N GLY B 194 -21.47 -4.67 1.07
CA GLY B 194 -21.05 -5.82 1.84
C GLY B 194 -21.39 -5.82 3.31
N ILE B 195 -22.02 -4.76 3.81
CA ILE B 195 -22.20 -4.57 5.25
C ILE B 195 -23.60 -4.99 5.65
N LYS B 196 -23.68 -5.75 6.74
CA LYS B 196 -24.97 -6.13 7.32
C LYS B 196 -25.54 -4.95 8.10
N SER B 197 -26.80 -4.64 7.84
CA SER B 197 -27.46 -3.52 8.52
C SER B 197 -27.95 -3.94 9.89
N LEU B 198 -27.84 -3.03 10.85
CA LEU B 198 -28.26 -3.30 12.22
C LEU B 198 -29.72 -2.92 12.43
N VAL B 199 -30.34 -3.57 13.39
CA VAL B 199 -31.74 -3.29 13.72
C VAL B 199 -31.80 -2.10 14.66
N ALA B 200 -32.82 -1.27 14.49
CA ALA B 200 -32.98 -0.07 15.31
C ALA B 200 -33.84 -0.35 16.53
N LEU B 203 -31.77 -0.29 20.27
CA LEU B 203 -31.71 0.85 21.18
C LEU B 203 -31.13 2.06 20.46
N ASN B 204 -29.80 2.15 20.46
CA ASN B 204 -29.10 3.28 19.84
C ASN B 204 -27.68 2.86 19.46
N ILE B 205 -27.53 1.66 18.89
CA ILE B 205 -26.23 1.19 18.47
C ILE B 205 -25.79 1.98 17.24
N LYS B 206 -24.57 2.49 17.30
CA LYS B 206 -23.99 3.25 16.19
C LYS B 206 -22.79 2.48 15.65
N PRO B 207 -22.82 2.03 14.39
CA PRO B 207 -21.64 1.36 13.84
C PRO B 207 -20.53 2.35 13.55
N ILE B 208 -19.30 1.90 13.74
CA ILE B 208 -18.11 2.67 13.37
C ILE B 208 -17.68 2.14 12.01
N GLY B 210 -15.59 2.45 8.14
CA GLY B 210 -14.26 2.82 7.69
C GLY B 210 -13.98 2.31 6.30
N SER B 211 -12.86 2.76 5.77
CA SER B 211 -12.38 2.31 4.47
C SER B 211 -11.68 0.96 4.58
N THR B 212 -11.69 0.22 3.48
CA THR B 212 -10.81 -0.90 3.26
C THR B 212 -9.67 -0.46 2.35
N PRO B 213 -8.57 -1.23 2.30
CA PRO B 213 -7.48 -0.83 1.38
C PRO B 213 -7.90 -0.74 -0.07
N GLN B 214 -8.96 -1.45 -0.46
CA GLN B 214 -9.47 -1.41 -1.84
C GLN B 214 -10.30 -0.16 -2.12
N GLY B 215 -10.70 0.58 -1.10
CA GLY B 215 -11.55 1.74 -1.28
C GLY B 215 -13.03 1.50 -1.07
N THR B 216 -13.41 0.35 -0.52
CA THR B 216 -14.80 0.10 -0.16
C THR B 216 -15.02 0.47 1.31
N ILE B 217 -16.28 0.44 1.71
CA ILE B 217 -16.66 0.73 3.09
C ILE B 217 -16.89 -0.58 3.82
N CYS B 218 -16.43 -0.65 5.07
CA CYS B 218 -16.67 -1.79 5.93
C CYS B 218 -17.07 -1.27 7.30
N GLN B 219 -17.59 -2.17 8.14
CA GLN B 219 -17.88 -1.85 9.53
C GLN B 219 -16.66 -2.25 10.36
N LYS B 220 -16.09 -1.28 11.08
CA LYS B 220 -14.92 -1.54 11.91
C LYS B 220 -15.30 -1.96 13.32
N GLU B 221 -16.32 -1.32 13.89
CA GLU B 221 -16.74 -1.58 15.25
C GLU B 221 -18.19 -1.15 15.40
N LYS B 222 -18.71 -1.31 16.62
CA LYS B 222 -20.06 -0.88 16.96
C LYS B 222 -20.06 -0.46 18.42
N ALA B 223 -20.92 0.49 18.75
CA ALA B 223 -21.01 0.98 20.12
C ALA B 223 -22.43 1.47 20.37
N ARG B 224 -22.79 1.52 21.65
CA ARG B 224 -24.11 1.98 22.04
C ARG B 224 -24.02 3.47 22.41
N GLY B 225 -24.75 4.29 21.68
CA GLY B 225 -24.68 5.73 21.87
C GLY B 225 -23.55 6.37 21.06
N LYS B 227 -21.58 8.94 21.99
CA LYS B 227 -20.40 9.27 22.78
C LYS B 227 -19.39 8.13 22.78
N LYS B 228 -19.87 6.91 23.05
CA LYS B 228 -18.96 5.78 23.07
C LYS B 228 -18.58 5.32 21.66
N ALA B 229 -19.37 5.68 20.65
CA ALA B 229 -18.97 5.39 19.27
C ALA B 229 -17.77 6.22 18.87
N LEU B 230 -17.74 7.49 19.28
CA LEU B 230 -16.59 8.35 18.97
C LEU B 230 -15.33 7.84 19.67
N VAL B 231 -15.48 7.32 20.89
CA VAL B 231 -14.33 6.74 21.59
C VAL B 231 -13.79 5.54 20.81
N LYS B 232 -14.69 4.66 20.36
CA LYS B 232 -14.25 3.47 19.63
C LYS B 232 -13.63 3.84 18.29
N ALA B 234 -12.00 6.63 17.67
CA ALA B 234 -10.68 7.14 18.02
C ALA B 234 -9.70 5.99 18.30
N ASP B 235 -10.18 4.93 18.96
CA ASP B 235 -9.34 3.76 19.18
C ASP B 235 -8.93 3.13 17.86
N CYS B 236 -9.86 3.03 16.90
CA CYS B 236 -9.55 2.45 15.60
C CYS B 236 -8.51 3.29 14.85
N VAL B 237 -8.65 4.61 14.90
CA VAL B 237 -7.66 5.49 14.25
C VAL B 237 -6.29 5.27 14.87
N ALA B 238 -6.21 5.25 16.20
CA ALA B 238 -4.92 5.08 16.86
C ALA B 238 -4.30 3.73 16.57
N ALA B 239 -5.12 2.69 16.35
CA ALA B 239 -4.58 1.36 16.18
C ALA B 239 -3.92 1.18 14.82
N ASP B 240 -4.31 1.96 13.81
CA ASP B 240 -3.82 1.78 12.46
C ASP B 240 -2.75 2.79 12.04
N VAL B 241 -2.62 3.92 12.72
CA VAL B 241 -1.82 5.02 12.21
C VAL B 241 -0.34 4.70 12.40
N VAL B 242 0.46 5.05 11.39
CA VAL B 242 1.91 4.92 11.42
C VAL B 242 2.50 6.32 11.29
N ASN B 243 3.46 6.65 12.17
CA ASN B 243 4.18 7.92 12.11
C ASN B 243 3.22 9.10 12.13
N ALA B 244 2.31 9.10 13.11
CA ALA B 244 1.34 10.19 13.22
C ALA B 244 2.01 11.53 13.42
N GLY B 245 3.20 11.55 14.04
CA GLY B 245 3.89 12.78 14.35
C GLY B 245 4.26 13.62 13.14
N ASP B 246 4.34 13.01 11.97
CA ASP B 246 4.67 13.73 10.73
C ASP B 246 3.46 13.96 9.84
N LYS B 247 2.26 13.58 10.29
CA LYS B 247 1.09 13.59 9.42
C LYS B 247 0.09 14.63 9.86
N ILE B 248 -0.74 15.04 8.92
CA ILE B 248 -1.87 15.93 9.17
C ILE B 248 -3.12 15.07 9.34
N LEU B 249 -3.85 15.29 10.41
CA LEU B 249 -5.12 14.61 10.66
C LEU B 249 -6.25 15.55 10.27
N ALA B 250 -7.23 15.04 9.53
CA ALA B 250 -8.34 15.85 9.06
C ALA B 250 -9.65 15.31 9.61
N ILE B 251 -10.53 16.23 10.00
CA ILE B 251 -11.86 15.89 10.51
C ILE B 251 -12.87 16.68 9.72
N ALA B 252 -13.82 15.99 9.09
CA ALA B 252 -14.94 16.62 8.41
C ALA B 252 -16.20 16.33 9.20
N HIS B 253 -17.03 17.35 9.39
CA HIS B 253 -18.27 17.22 10.13
C HIS B 253 -19.40 17.87 9.34
N CYS B 254 -20.58 17.29 9.46
CA CYS B 254 -21.78 17.83 8.83
C CYS B 254 -22.66 18.43 9.91
N ASN B 255 -22.52 19.74 10.11
CA ASN B 255 -23.38 20.50 11.03
C ASN B 255 -23.26 20.00 12.47
N CYS B 256 -22.04 19.71 12.91
CA CYS B 256 -21.81 19.29 14.30
C CYS B 256 -20.37 19.62 14.67
N GLU B 257 -20.05 20.92 14.73
CA GLU B 257 -18.68 21.34 14.98
C GLU B 257 -18.22 20.94 16.37
N GLU B 258 -19.11 20.97 17.36
CA GLU B 258 -18.71 20.57 18.72
C GLU B 258 -18.35 19.10 18.77
N ARG B 259 -19.06 18.26 18.00
CA ARG B 259 -18.71 16.86 17.92
C ARG B 259 -17.34 16.66 17.28
N ALA B 260 -17.00 17.49 16.29
CA ALA B 260 -15.69 17.40 15.65
C ALA B 260 -14.59 17.75 16.64
N LYS B 261 -14.81 18.78 17.46
CA LYS B 261 -13.81 19.16 18.45
C LYS B 261 -13.64 18.10 19.52
N GLU B 262 -14.71 17.38 19.86
CA GLU B 262 -14.58 16.30 20.84
C GLU B 262 -13.78 15.13 20.25
N VAL B 263 -14.03 14.79 18.98
CA VAL B 263 -13.25 13.75 18.32
C VAL B 263 -11.78 14.18 18.23
N GLN B 264 -11.53 15.43 17.89
CA GLN B 264 -10.17 15.96 17.89
C GLN B 264 -9.53 15.80 19.27
N ARG B 265 -10.28 16.07 20.32
CA ARG B 265 -9.75 15.92 21.68
C ARG B 265 -9.44 14.47 22.00
N LEU B 266 -10.32 13.55 21.61
CA LEU B 266 -10.11 12.13 21.90
C LEU B 266 -8.89 11.60 21.16
N LEU B 267 -8.68 12.04 19.91
CA LEU B 267 -7.53 11.58 19.16
C LEU B 267 -6.23 12.11 19.75
N LYS B 268 -6.25 13.35 20.26
CA LYS B 268 -5.04 13.92 20.85
C LYS B 268 -4.63 13.17 22.12
N GLU B 269 -5.59 12.58 22.82
CA GLU B 269 -5.26 11.75 23.98
C GLU B 269 -4.51 10.49 23.59
N ARG B 270 -4.61 10.05 22.34
CA ARG B 270 -4.07 8.76 21.92
C ARG B 270 -2.78 8.87 21.13
N PHE B 271 -2.59 9.92 20.36
CA PHE B 271 -1.35 10.11 19.61
C PHE B 271 -1.20 11.58 19.25
N ALA B 272 0.04 11.99 19.00
CA ALA B 272 0.34 13.35 18.58
C ALA B 272 0.48 13.39 17.06
N VAL B 273 -0.01 14.46 16.46
CA VAL B 273 0.08 14.66 15.01
C VAL B 273 0.88 15.92 14.75
N LYS B 274 1.36 16.05 13.52
CA LYS B 274 2.03 17.30 13.13
C LYS B 274 1.07 18.47 13.22
N SER B 275 -0.15 18.31 12.73
CA SER B 275 -1.20 19.31 12.84
C SER B 275 -2.51 18.64 12.49
N SER B 276 -3.62 19.35 12.77
CA SER B 276 -4.93 18.85 12.42
C SER B 276 -5.82 20.01 12.05
N PHE B 277 -6.88 19.71 11.28
CA PHE B 277 -7.85 20.74 10.94
C PHE B 277 -9.24 20.13 10.87
N ILE B 278 -10.24 21.00 10.99
CA ILE B 278 -11.65 20.64 10.92
C ILE B 278 -12.30 21.44 9.81
N VAL B 279 -13.11 20.78 8.98
CA VAL B 279 -13.80 21.45 7.88
C VAL B 279 -15.26 21.00 7.84
N ASP B 280 -16.10 21.90 7.33
CA ASP B 280 -17.48 21.52 7.02
C ASP B 280 -17.51 20.62 5.80
N THR B 281 -18.42 19.65 5.80
CA THR B 281 -18.52 18.73 4.68
C THR B 281 -18.93 19.46 3.41
N SER B 282 -18.37 19.03 2.28
CA SER B 282 -18.76 19.53 0.97
C SER B 282 -20.20 19.10 0.67
N GLY B 283 -20.67 19.47 -0.52
CA GLY B 283 -22.01 19.08 -0.93
C GLY B 283 -22.17 17.58 -1.03
N ILE B 284 -21.23 16.91 -1.70
CA ILE B 284 -21.30 15.45 -1.84
C ILE B 284 -21.15 14.79 -0.49
N SER B 285 -20.18 15.23 0.33
CA SER B 285 -20.00 14.64 1.65
C SER B 285 -21.24 14.84 2.51
N THR B 286 -21.88 16.00 2.41
CA THR B 286 -23.09 16.25 3.18
C THR B 286 -24.22 15.31 2.78
N VAL B 287 -24.39 15.09 1.47
CA VAL B 287 -25.46 14.23 0.98
C VAL B 287 -25.34 12.82 1.57
N TYR B 288 -24.11 12.31 1.68
CA TYR B 288 -23.93 10.93 2.10
C TYR B 288 -23.61 10.79 3.58
N ALA B 289 -23.00 11.79 4.21
CA ALA B 289 -22.78 11.72 5.65
C ALA B 289 -24.02 12.09 6.44
N ASN B 290 -24.83 13.02 5.92
CA ASN B 290 -26.06 13.51 6.52
C ASN B 290 -25.81 14.30 7.80
N ASP B 291 -26.85 14.98 8.29
CA ASP B 291 -26.78 15.77 9.52
C ASP B 291 -26.17 14.97 10.66
N GLY B 292 -25.15 15.54 11.29
CA GLY B 292 -24.50 14.93 12.43
C GLY B 292 -23.35 14.00 12.11
N GLY B 293 -23.00 13.83 10.84
CA GLY B 293 -21.95 12.89 10.47
C GLY B 293 -20.55 13.42 10.79
N ILE B 294 -19.64 12.49 11.05
CA ILE B 294 -18.24 12.79 11.38
C ILE B 294 -17.35 11.87 10.56
N ILE B 295 -16.32 12.45 9.92
CA ILE B 295 -15.36 11.72 9.11
C ILE B 295 -13.95 12.06 9.59
N VAL B 296 -13.13 11.04 9.79
CA VAL B 296 -11.76 11.21 10.27
C VAL B 296 -10.81 10.49 9.32
N VAL B 297 -9.75 11.19 8.91
CA VAL B 297 -8.74 10.62 8.03
C VAL B 297 -7.36 11.04 8.54
N VAL B 298 -6.43 10.09 8.57
CA VAL B 298 -5.03 10.38 8.83
C VAL B 298 -4.19 9.34 8.09
#